data_4B3X
#
_entry.id   4B3X
#
_cell.length_a   45.420
_cell.length_b   61.460
_cell.length_c   162.400
_cell.angle_alpha   90.00
_cell.angle_beta   90.00
_cell.angle_gamma   90.00
#
_symmetry.space_group_name_H-M   'P 21 21 21'
#
loop_
_entity.id
_entity.type
_entity.pdbx_description
1 polymer 'TRANSLATION INITIATION FACTOR IF-2'
2 non-polymer GLYCEROL
3 water water
#
_entity_poly.entity_id   1
_entity_poly.type   'polypeptide(L)'
_entity_poly.pdbx_seq_one_letter_code
;MAKVRIYQLAKELGMETQELLELLDQMGVAYKSHASTLEEKDAEAVRELVKEQRGLQEKLAEEERRKSLPRRPPVVVIMG
HVDHGKTTLLDYLRKSRIAEKEGGGITQHVGAFEVKTPQGTVVFIDTPGHEAFTTIRQRGAKVADIAVIVIAADDGIMPQ
TEEAIAHAKAAGAKLIFAINKIDLPQADPEKVKRQLMERGFVPEEYGGDAIVIPISAKTGQGVQDLLEMILLLAELEDYR
ADPNAEPRGVILESKLDKQAGIIANMLVQEGTFRVGDYVVAGEAYGRIRAMMDADGNQRKEAGPGSAVQVLGFQELPHAG
DVVEWVPDLEAAKEIAEERKEERKAREEEEKARRPRTMAELLR
;
_entity_poly.pdbx_strand_id   A
#
loop_
_chem_comp.id
_chem_comp.type
_chem_comp.name
_chem_comp.formula
GOL non-polymer GLYCEROL 'C3 H8 O3'
#
# COMPACT_ATOMS: atom_id res chain seq x y z
N MET A 1 -31.09 -35.91 -28.76
CA MET A 1 -31.31 -34.80 -29.75
C MET A 1 -32.71 -34.88 -30.33
N ALA A 2 -32.95 -35.92 -31.14
CA ALA A 2 -34.25 -36.14 -31.79
C ALA A 2 -34.61 -37.64 -31.84
N LYS A 3 -35.72 -38.04 -31.20
CA LYS A 3 -36.56 -37.14 -30.41
C LYS A 3 -36.25 -37.35 -28.92
N VAL A 4 -36.37 -36.30 -28.15
CA VAL A 4 -36.08 -36.41 -26.73
C VAL A 4 -37.37 -36.12 -25.94
N ARG A 5 -37.61 -36.89 -24.87
CA ARG A 5 -38.64 -36.51 -23.92
C ARG A 5 -38.08 -35.43 -22.94
N ILE A 6 -38.97 -34.61 -22.41
CA ILE A 6 -38.52 -33.52 -21.56
C ILE A 6 -37.72 -34.07 -20.38
N TYR A 7 -38.12 -35.19 -19.79
CA TYR A 7 -37.31 -35.70 -18.66
C TYR A 7 -35.92 -36.14 -19.04
N GLN A 8 -35.76 -36.58 -20.28
CA GLN A 8 -34.45 -36.94 -20.81
C GLN A 8 -33.62 -35.71 -21.03
N LEU A 9 -34.22 -34.67 -21.60
CA LEU A 9 -33.51 -33.44 -21.84
C LEU A 9 -33.13 -32.80 -20.52
N ALA A 10 -34.01 -32.85 -19.52
CA ALA A 10 -33.66 -32.32 -18.16
C ALA A 10 -32.45 -33.04 -17.58
N LYS A 11 -32.41 -34.36 -17.74
CA LYS A 11 -31.30 -35.14 -17.20
C LYS A 11 -30.02 -34.74 -17.93
N GLU A 12 -30.10 -34.69 -19.26
CA GLU A 12 -28.94 -34.33 -20.08
C GLU A 12 -28.32 -32.99 -19.66
N LEU A 13 -29.17 -32.02 -19.35
CA LEU A 13 -28.72 -30.66 -19.09
C LEU A 13 -28.50 -30.38 -17.61
N GLY A 14 -28.73 -31.39 -16.77
CA GLY A 14 -28.61 -31.21 -15.33
C GLY A 14 -29.59 -30.20 -14.78
N MET A 15 -30.84 -30.26 -15.22
CA MET A 15 -31.85 -29.35 -14.74
C MET A 15 -32.95 -30.10 -14.02
N GLU A 16 -33.52 -29.44 -13.01
CA GLU A 16 -34.72 -29.96 -12.35
C GLU A 16 -35.91 -29.89 -13.30
N THR A 17 -36.81 -30.85 -13.15
CA THR A 17 -38.01 -30.89 -13.99
C THR A 17 -38.72 -29.54 -14.09
N GLN A 18 -39.09 -28.97 -12.95
CA GLN A 18 -39.92 -27.79 -12.95
C GLN A 18 -39.17 -26.61 -13.56
N GLU A 19 -37.85 -26.66 -13.41
CA GLU A 19 -36.95 -25.66 -13.97
C GLU A 19 -37.01 -25.72 -15.50
N LEU A 20 -36.94 -26.91 -16.06
CA LEU A 20 -37.04 -27.00 -17.51
C LEU A 20 -38.45 -26.67 -17.98
N LEU A 21 -39.48 -27.08 -17.25
CA LEU A 21 -40.82 -26.77 -17.67
C LEU A 21 -41.03 -25.23 -17.67
N GLU A 22 -40.44 -24.56 -16.70
CA GLU A 22 -40.51 -23.11 -16.59
C GLU A 22 -39.85 -22.48 -17.85
N LEU A 23 -38.71 -23.02 -18.25
CA LEU A 23 -38.05 -22.55 -19.48
C LEU A 23 -38.89 -22.74 -20.70
N LEU A 24 -39.46 -23.93 -20.89
CA LEU A 24 -40.36 -24.15 -22.00
C LEU A 24 -41.54 -23.18 -22.03
N ASP A 25 -42.11 -22.87 -20.86
CA ASP A 25 -43.15 -21.84 -20.77
C ASP A 25 -42.62 -20.48 -21.27
N GLN A 26 -41.44 -20.09 -20.79
CA GLN A 26 -40.85 -18.83 -21.29
C GLN A 26 -40.72 -18.81 -22.82
N MET A 27 -40.41 -19.97 -23.43
CA MET A 27 -40.13 -20.03 -24.88
C MET A 27 -41.40 -20.22 -25.67
N GLY A 28 -42.50 -20.43 -24.95
CA GLY A 28 -43.77 -20.69 -25.58
C GLY A 28 -43.88 -22.08 -26.20
N VAL A 29 -43.02 -23.00 -25.79
CA VAL A 29 -43.12 -24.39 -26.26
C VAL A 29 -44.14 -25.17 -25.44
N ALA A 30 -45.16 -25.73 -26.09
CA ALA A 30 -46.20 -26.43 -25.35
C ALA A 30 -45.82 -27.89 -24.98
N TYR A 31 -46.48 -28.41 -23.95
CA TYR A 31 -46.23 -29.78 -23.49
C TYR A 31 -47.34 -30.18 -22.55
N LYS A 32 -47.66 -31.46 -22.55
CA LYS A 32 -48.60 -32.01 -21.59
C LYS A 32 -47.99 -32.28 -20.24
N SER A 33 -46.79 -32.86 -20.21
CA SER A 33 -46.09 -33.17 -18.97
C SER A 33 -44.61 -33.26 -19.28
N HIS A 34 -43.78 -33.56 -18.27
CA HIS A 34 -42.40 -33.77 -18.56
C HIS A 34 -42.19 -35.10 -19.32
N ALA A 35 -43.27 -35.87 -19.55
CA ALA A 35 -43.09 -37.07 -20.39
C ALA A 35 -43.27 -36.78 -21.87
N SER A 36 -43.69 -35.57 -22.22
CA SER A 36 -43.88 -35.23 -23.61
C SER A 36 -42.58 -35.17 -24.38
N THR A 37 -42.69 -35.48 -25.66
CA THR A 37 -41.58 -35.42 -26.57
C THR A 37 -41.50 -34.01 -27.16
N LEU A 38 -40.28 -33.50 -27.30
CA LEU A 38 -40.00 -32.24 -27.94
C LEU A 38 -39.61 -32.47 -29.43
N GLU A 39 -40.15 -31.67 -30.32
CA GLU A 39 -39.59 -31.59 -31.68
C GLU A 39 -38.11 -31.22 -31.61
N GLU A 40 -37.33 -31.72 -32.57
CA GLU A 40 -35.90 -31.52 -32.54
C GLU A 40 -35.55 -30.03 -32.51
N LYS A 41 -36.33 -29.24 -33.23
CA LYS A 41 -36.03 -27.79 -33.28
C LYS A 41 -36.21 -27.14 -31.92
N ASP A 42 -37.21 -27.56 -31.18
CA ASP A 42 -37.43 -27.01 -29.84
C ASP A 42 -36.30 -27.42 -28.88
N ALA A 43 -35.88 -28.69 -28.96
CA ALA A 43 -34.86 -29.20 -28.05
C ALA A 43 -33.54 -28.51 -28.30
N GLU A 44 -33.22 -28.30 -29.57
CA GLU A 44 -31.99 -27.59 -29.92
C GLU A 44 -32.05 -26.16 -29.38
N ALA A 45 -33.19 -25.51 -29.60
CA ALA A 45 -33.41 -24.17 -29.06
C ALA A 45 -33.25 -24.15 -27.53
N VAL A 46 -33.76 -25.17 -26.85
CA VAL A 46 -33.56 -25.25 -25.40
C VAL A 46 -32.10 -25.32 -25.03
N ARG A 47 -31.39 -26.25 -25.65
CA ARG A 47 -29.99 -26.49 -25.34
C ARG A 47 -29.18 -25.21 -25.53
N GLU A 48 -29.47 -24.49 -26.61
CA GLU A 48 -28.79 -23.21 -26.88
C GLU A 48 -29.13 -22.15 -25.84
N LEU A 49 -30.42 -21.96 -25.56
CA LEU A 49 -30.80 -20.96 -24.57
C LEU A 49 -30.20 -21.23 -23.19
N VAL A 50 -30.13 -22.50 -22.82
CA VAL A 50 -29.59 -22.85 -21.52
C VAL A 50 -28.11 -22.53 -21.48
N LYS A 51 -27.41 -22.90 -22.56
CA LYS A 51 -26.00 -22.60 -22.74
C LYS A 51 -25.74 -21.10 -22.59
N GLU A 52 -26.47 -20.31 -23.35
CA GLU A 52 -26.36 -18.86 -23.28
C GLU A 52 -26.62 -18.38 -21.84
N GLN A 53 -27.76 -18.74 -21.27
CA GLN A 53 -28.12 -18.28 -19.93
C GLN A 53 -27.04 -18.63 -18.90
N ARG A 54 -26.48 -19.83 -18.99
CA ARG A 54 -25.48 -20.25 -18.03
C ARG A 54 -24.18 -19.45 -18.18
N GLY A 55 -23.90 -19.04 -19.42
CA GLY A 55 -22.72 -18.26 -19.73
C GLY A 55 -22.81 -16.83 -19.23
N LEU A 56 -24.01 -16.26 -19.31
CA LEU A 56 -24.28 -14.91 -18.82
C LEU A 56 -24.37 -14.86 -17.29
N GLN A 57 -24.82 -15.97 -16.69
CA GLN A 57 -24.83 -16.08 -15.23
C GLN A 57 -23.40 -16.01 -14.74
N GLU A 58 -22.52 -16.71 -15.47
CA GLU A 58 -21.11 -16.81 -15.13
C GLU A 58 -20.39 -15.48 -15.33
N LYS A 59 -20.62 -14.88 -16.50
CA LYS A 59 -20.08 -13.57 -16.82
C LYS A 59 -20.54 -12.53 -15.81
N LEU A 60 -21.80 -12.61 -15.40
CA LEU A 60 -22.38 -11.67 -14.44
C LEU A 60 -21.79 -11.90 -13.05
N ALA A 61 -21.44 -13.14 -12.75
CA ALA A 61 -20.83 -13.47 -11.46
C ALA A 61 -19.33 -13.14 -11.43
N GLU A 62 -18.68 -13.20 -12.60
CA GLU A 62 -17.25 -12.94 -12.70
C GLU A 62 -16.94 -11.45 -12.68
N GLU A 63 -17.93 -10.64 -13.06
CA GLU A 63 -17.80 -9.19 -13.03
C GLU A 63 -18.09 -8.68 -11.62
N GLU A 64 -18.89 -9.42 -10.86
CA GLU A 64 -19.15 -9.07 -9.47
C GLU A 64 -17.96 -9.44 -8.59
N ARG A 65 -17.16 -10.40 -9.06
CA ARG A 65 -15.92 -10.76 -8.37
C ARG A 65 -14.87 -9.67 -8.60
N ARG A 66 -14.77 -9.22 -9.85
CA ARG A 66 -13.70 -8.32 -10.29
C ARG A 66 -13.84 -6.87 -9.81
N LYS A 67 -14.85 -6.59 -8.97
CA LYS A 67 -15.01 -5.26 -8.41
C LYS A 67 -14.95 -5.25 -6.88
N SER A 68 -14.59 -6.38 -6.29
CA SER A 68 -14.22 -6.42 -4.89
C SER A 68 -12.68 -6.50 -4.84
N LEU A 69 -12.03 -5.35 -4.62
CA LEU A 69 -10.56 -5.30 -4.74
C LEU A 69 -9.96 -6.02 -3.53
N PRO A 70 -8.85 -6.72 -3.72
CA PRO A 70 -8.24 -7.44 -2.61
C PRO A 70 -7.72 -6.44 -1.55
N ARG A 71 -7.61 -6.87 -0.30
CA ARG A 71 -7.10 -6.04 0.77
C ARG A 71 -5.59 -5.80 0.47
N ARG A 72 -5.06 -4.68 0.96
CA ARG A 72 -3.60 -4.44 0.97
C ARG A 72 -3.25 -4.15 2.42
N PRO A 73 -2.00 -4.41 2.82
CA PRO A 73 -1.60 -4.24 4.22
C PRO A 73 -1.46 -2.77 4.58
N PRO A 74 -1.69 -2.44 5.86
CA PRO A 74 -1.49 -1.06 6.29
C PRO A 74 -0.02 -0.76 6.25
N VAL A 75 0.27 0.45 5.83
CA VAL A 75 1.63 0.97 5.85
C VAL A 75 1.78 1.98 7.00
N VAL A 76 2.80 1.77 7.83
CA VAL A 76 2.95 2.48 9.09
C VAL A 76 4.32 3.13 9.15
N VAL A 77 4.34 4.39 9.60
CA VAL A 77 5.59 5.05 9.91
CA VAL A 77 5.57 5.09 9.91
C VAL A 77 5.61 5.32 11.41
N ILE A 78 6.77 5.17 12.00
CA ILE A 78 6.95 5.41 13.43
C ILE A 78 7.74 6.72 13.62
N MET A 79 7.17 7.66 14.40
CA MET A 79 7.72 9.00 14.52
C MET A 79 7.81 9.46 15.95
N GLY A 80 8.46 10.61 16.15
CA GLY A 80 8.55 11.23 17.44
C GLY A 80 9.96 11.73 17.67
N HIS A 81 10.20 12.16 18.88
CA HIS A 81 11.50 12.68 19.25
C HIS A 81 12.53 11.57 19.17
N VAL A 82 13.74 11.90 18.68
CA VAL A 82 14.77 10.89 18.44
C VAL A 82 15.17 10.03 19.63
N ASP A 83 15.07 10.59 20.83
CA ASP A 83 15.39 9.86 22.06
C ASP A 83 14.21 9.19 22.75
N HIS A 84 13.01 9.31 22.18
CA HIS A 84 11.84 8.80 22.92
C HIS A 84 11.47 7.33 22.67
N GLY A 85 12.15 6.69 21.72
CA GLY A 85 11.99 5.25 21.55
C GLY A 85 11.50 4.81 20.18
N LYS A 86 11.24 5.72 19.27
CA LYS A 86 10.79 5.29 17.93
C LYS A 86 11.82 4.35 17.32
N THR A 87 13.09 4.62 17.59
CA THR A 87 14.13 3.79 17.00
C THR A 87 14.21 2.43 17.65
N THR A 88 14.12 2.43 18.97
CA THR A 88 14.05 1.21 19.73
C THR A 88 12.82 0.37 19.34
N LEU A 89 11.69 1.02 19.08
CA LEU A 89 10.49 0.27 18.69
C LEU A 89 10.68 -0.32 17.29
N LEU A 90 11.16 0.48 16.35
CA LEU A 90 11.38 -0.01 15.00
C LEU A 90 12.38 -1.17 15.00
N ASP A 91 13.45 -1.04 15.76
CA ASP A 91 14.40 -2.15 15.93
C ASP A 91 13.75 -3.37 16.55
N TYR A 92 12.93 -3.19 17.59
CA TYR A 92 12.24 -4.34 18.17
C TYR A 92 11.39 -5.05 17.12
N LEU A 93 10.71 -4.28 16.29
CA LEU A 93 9.82 -4.88 15.30
C LEU A 93 10.61 -5.59 14.23
N ARG A 94 11.74 -5.01 13.85
CA ARG A 94 12.55 -5.56 12.79
C ARG A 94 13.13 -6.89 13.28
N LYS A 95 13.51 -6.97 14.55
CA LYS A 95 14.07 -8.20 15.12
CA LYS A 95 14.07 -8.21 15.11
C LYS A 95 13.02 -9.28 15.22
N SER A 96 11.83 -8.88 15.62
CA SER A 96 10.76 -9.79 15.93
C SER A 96 10.40 -10.67 14.74
N ARG A 97 10.73 -10.17 13.54
CA ARG A 97 10.60 -10.95 12.30
C ARG A 97 11.34 -12.28 12.40
N ILE A 98 12.66 -12.19 12.39
CA ILE A 98 13.52 -13.34 12.20
C ILE A 98 13.17 -14.55 13.10
N ALA A 99 12.98 -14.30 14.41
CA ALA A 99 12.57 -15.37 15.34
C ALA A 99 13.59 -16.53 15.40
N GLU A 100 14.76 -16.27 15.98
CA GLU A 100 15.93 -17.19 15.95
C GLU A 100 16.56 -17.40 14.56
N LYS A 101 16.75 -16.29 13.83
CA LYS A 101 17.28 -16.22 12.45
C LYS A 101 16.51 -17.04 11.40
N GLU A 102 17.27 -17.66 10.53
CA GLU A 102 16.74 -18.61 9.56
C GLU A 102 17.55 -19.92 9.61
N GLY A 103 18.86 -19.91 9.28
CA GLY A 103 19.63 -18.76 8.81
C GLY A 103 19.79 -18.93 7.31
N GLY A 104 20.30 -17.93 6.56
CA GLY A 104 20.86 -16.67 7.02
C GLY A 104 20.08 -15.46 7.53
N GLY A 105 19.00 -14.97 6.87
CA GLY A 105 18.23 -15.68 5.86
C GLY A 105 18.19 -15.66 4.32
N ILE A 106 18.72 -14.68 3.60
CA ILE A 106 19.24 -13.39 4.01
C ILE A 106 18.13 -12.31 4.24
N THR A 107 18.58 -11.07 4.45
CA THR A 107 17.74 -9.88 4.56
C THR A 107 18.36 -8.85 3.58
N GLN A 108 17.55 -7.92 3.07
CA GLN A 108 18.01 -6.77 2.31
C GLN A 108 17.27 -5.54 2.77
N HIS A 109 17.96 -4.39 2.83
CA HIS A 109 17.29 -3.16 3.17
CA HIS A 109 17.29 -3.14 3.18
C HIS A 109 16.67 -2.56 1.90
N VAL A 110 15.10 -2.52 1.82
CA VAL A 110 14.46 -1.99 0.64
C VAL A 110 13.54 -0.86 1.05
N GLY A 111 13.76 -0.30 2.24
CA GLY A 111 13.01 0.88 2.67
C GLY A 111 11.79 0.61 3.54
N ALA A 112 11.45 -0.66 3.71
CA ALA A 112 10.29 -1.05 4.52
C ALA A 112 10.42 -2.53 4.83
N PHE A 113 9.83 -2.97 5.93
CA PHE A 113 9.84 -4.39 6.24
C PHE A 113 8.47 -4.80 6.70
N GLU A 114 8.18 -6.08 6.62
CA GLU A 114 6.85 -6.55 7.02
C GLU A 114 6.89 -7.27 8.35
N VAL A 115 5.84 -7.14 9.15
CA VAL A 115 5.76 -7.87 10.39
C VAL A 115 4.55 -8.74 10.21
N LYS A 116 4.75 -10.04 10.24
CA LYS A 116 3.67 -10.97 9.98
C LYS A 116 3.07 -11.36 11.30
N THR A 117 1.76 -11.47 11.29
CA THR A 117 1.01 -11.63 12.51
C THR A 117 -0.16 -12.59 12.20
N PRO A 118 -0.59 -13.39 13.17
CA PRO A 118 -1.75 -14.26 12.94
C PRO A 118 -2.95 -13.51 12.38
N GLN A 119 -3.10 -12.25 12.78
CA GLN A 119 -4.17 -11.38 12.25
C GLN A 119 -3.89 -10.64 10.93
N GLY A 120 -2.71 -10.83 10.35
CA GLY A 120 -2.36 -10.10 9.14
C GLY A 120 -0.96 -9.49 9.17
N THR A 121 -0.59 -8.91 8.04
CA THR A 121 0.73 -8.35 7.85
C THR A 121 0.67 -6.83 7.91
N VAL A 122 1.67 -6.24 8.56
CA VAL A 122 1.82 -4.81 8.62
C VAL A 122 3.14 -4.43 7.93
N VAL A 123 3.11 -3.39 7.12
CA VAL A 123 4.32 -2.87 6.48
C VAL A 123 4.80 -1.67 7.27
N PHE A 124 6.04 -1.75 7.77
CA PHE A 124 6.70 -0.61 8.43
C PHE A 124 7.74 0.07 7.57
N ILE A 125 7.60 1.38 7.38
CA ILE A 125 8.55 2.15 6.63
C ILE A 125 9.81 2.20 7.45
N ASP A 126 10.97 2.03 6.82
CA ASP A 126 12.21 1.92 7.56
C ASP A 126 13.27 2.64 6.74
N THR A 127 13.25 3.96 6.76
CA THR A 127 14.18 4.76 5.96
C THR A 127 14.77 5.83 6.92
N PRO A 128 15.99 6.29 6.64
CA PRO A 128 16.67 7.23 7.57
C PRO A 128 16.06 8.64 7.69
N GLY A 129 15.44 9.16 6.63
CA GLY A 129 14.80 10.47 6.68
C GLY A 129 13.32 10.45 7.06
N HIS A 130 12.62 11.52 6.67
CA HIS A 130 11.16 11.56 6.74
C HIS A 130 10.59 11.49 5.31
N GLU A 131 11.01 12.45 4.47
CA GLU A 131 10.92 12.34 3.00
C GLU A 131 11.87 13.33 2.32
N ALA A 132 11.55 14.63 2.37
CA ALA A 132 12.33 15.68 1.68
C ALA A 132 12.12 17.04 2.37
N PHE A 133 12.29 18.14 1.63
CA PHE A 133 11.92 19.48 2.13
C PHE A 133 12.85 19.91 3.27
N THR A 134 12.29 20.47 4.36
CA THR A 134 13.08 20.87 5.52
C THR A 134 13.41 19.64 6.38
N THR A 135 13.97 19.86 7.56
CA THR A 135 14.36 18.75 8.45
C THR A 135 13.40 18.63 9.63
N ILE A 136 12.67 17.51 9.78
CA ILE A 136 12.63 16.38 8.84
C ILE A 136 11.23 16.31 8.22
N ARG A 137 11.02 17.08 7.16
CA ARG A 137 9.70 17.33 6.59
C ARG A 137 9.35 16.38 5.44
N GLN A 138 8.17 16.55 4.82
CA GLN A 138 7.72 15.62 3.79
C GLN A 138 6.75 16.15 2.72
N ARG A 139 7.24 16.31 1.50
CA ARG A 139 6.38 16.18 0.32
C ARG A 139 7.10 15.39 -0.75
N GLY A 140 6.69 14.14 -0.95
CA GLY A 140 5.64 13.51 -0.19
C GLY A 140 4.38 13.26 -0.97
N ALA A 141 4.44 12.29 -1.89
CA ALA A 141 3.23 11.54 -2.19
C ALA A 141 2.96 10.78 -0.88
N LYS A 142 1.70 10.53 -0.56
CA LYS A 142 1.33 9.84 0.69
C LYS A 142 1.90 8.43 0.68
N VAL A 143 2.57 8.04 1.74
CA VAL A 143 3.22 6.75 1.82
C VAL A 143 2.51 5.96 2.89
N ALA A 144 2.39 6.54 4.07
CA ALA A 144 1.88 5.81 5.23
C ALA A 144 0.38 6.01 5.44
N ASP A 145 -0.30 4.93 5.80
CA ASP A 145 -1.71 5.02 6.22
C ASP A 145 -1.82 5.49 7.69
N ILE A 146 -0.91 4.98 8.51
CA ILE A 146 -0.93 5.20 9.96
C ILE A 146 0.45 5.71 10.43
N ALA A 147 0.43 6.68 11.35
CA ALA A 147 1.62 7.23 11.97
C ALA A 147 1.59 6.90 13.46
N VAL A 148 2.55 6.15 13.94
CA VAL A 148 2.62 5.87 15.37
C VAL A 148 3.53 6.93 15.96
N ILE A 149 3.00 7.77 16.85
CA ILE A 149 3.77 8.86 17.45
C ILE A 149 4.25 8.38 18.82
N VAL A 150 5.55 8.16 18.96
CA VAL A 150 6.10 7.54 20.16
C VAL A 150 6.58 8.68 21.06
N ILE A 151 5.99 8.73 22.24
CA ILE A 151 6.24 9.77 23.23
C ILE A 151 6.73 9.13 24.55
N ALA A 152 7.87 9.55 25.05
CA ALA A 152 8.44 8.97 26.28
C ALA A 152 7.61 9.44 27.47
N ALA A 153 7.25 8.50 28.33
CA ALA A 153 6.41 8.84 29.47
C ALA A 153 7.08 9.81 30.47
N ASP A 154 8.41 9.89 30.47
CA ASP A 154 9.09 10.75 31.44
C ASP A 154 9.23 12.21 30.94
N ASP A 155 9.65 12.37 29.71
CA ASP A 155 9.95 13.67 29.11
C ASP A 155 8.64 14.37 28.67
N GLY A 156 7.70 13.58 28.16
CA GLY A 156 6.45 14.11 27.63
C GLY A 156 6.58 14.70 26.22
N ILE A 157 5.58 15.47 25.81
CA ILE A 157 5.54 16.00 24.45
C ILE A 157 6.60 17.09 24.24
N MET A 158 7.47 16.92 23.25
CA MET A 158 8.52 17.90 22.96
C MET A 158 8.31 18.50 21.56
N PRO A 159 9.11 19.51 21.19
CA PRO A 159 9.01 20.05 19.81
C PRO A 159 9.18 19.04 18.67
N GLN A 160 10.03 18.01 18.77
CA GLN A 160 10.08 16.98 17.71
C GLN A 160 8.77 16.18 17.66
N THR A 161 8.13 16.05 18.82
CA THR A 161 6.82 15.34 18.88
C THR A 161 5.79 16.13 18.11
N GLU A 162 5.75 17.40 18.40
CA GLU A 162 4.78 18.29 17.78
C GLU A 162 5.01 18.37 16.30
N GLU A 163 6.28 18.36 15.89
CA GLU A 163 6.60 18.34 14.45
C GLU A 163 6.11 17.04 13.83
N ALA A 164 6.31 15.93 14.53
CA ALA A 164 5.91 14.64 13.99
C ALA A 164 4.39 14.62 13.82
N ILE A 165 3.67 15.14 14.81
CA ILE A 165 2.23 15.16 14.76
C ILE A 165 1.73 16.02 13.59
N ALA A 166 2.32 17.19 13.43
CA ALA A 166 1.91 18.08 12.36
C ALA A 166 2.19 17.46 10.99
N HIS A 167 3.34 16.82 10.84
CA HIS A 167 3.71 16.16 9.58
C HIS A 167 2.74 15.04 9.24
N ALA A 168 2.48 14.18 10.23
CA ALA A 168 1.54 13.08 10.03
C ALA A 168 0.14 13.60 9.63
N LYS A 169 -0.35 14.61 10.31
CA LYS A 169 -1.64 15.16 9.94
C LYS A 169 -1.59 15.75 8.54
N ALA A 170 -0.54 16.48 8.24
CA ALA A 170 -0.42 17.06 6.93
C ALA A 170 -0.46 15.98 5.84
N ALA A 171 0.25 14.87 6.08
CA ALA A 171 0.30 13.74 5.14
C ALA A 171 -0.96 12.89 5.11
N GLY A 172 -1.94 13.20 5.97
CA GLY A 172 -3.20 12.46 5.97
C GLY A 172 -3.17 11.11 6.68
N ALA A 173 -2.18 10.88 7.55
CA ALA A 173 -2.10 9.63 8.29
C ALA A 173 -3.05 9.62 9.47
N LYS A 174 -3.56 8.44 9.81
CA LYS A 174 -4.27 8.24 11.07
C LYS A 174 -3.26 8.13 12.21
N LEU A 175 -3.47 8.79 13.34
CA LEU A 175 -2.47 8.80 14.38
C LEU A 175 -2.77 7.77 15.46
N ILE A 176 -1.72 7.10 15.90
CA ILE A 176 -1.74 6.32 17.13
C ILE A 176 -0.65 6.87 18.05
N PHE A 177 -1.03 7.28 19.27
CA PHE A 177 -0.05 7.78 20.22
C PHE A 177 0.44 6.61 21.08
N ALA A 178 1.73 6.34 21.04
CA ALA A 178 2.31 5.25 21.83
C ALA A 178 3.11 5.88 22.95
N ILE A 179 2.65 5.67 24.17
CA ILE A 179 3.34 6.26 25.32
C ILE A 179 4.34 5.24 25.78
N ASN A 180 5.61 5.56 25.54
CA ASN A 180 6.68 4.62 25.75
C ASN A 180 7.39 4.87 27.12
N LYS A 181 8.20 3.88 27.52
CA LYS A 181 9.07 3.94 28.70
C LYS A 181 8.22 3.94 29.94
N ILE A 182 7.16 3.16 29.91
CA ILE A 182 6.17 3.23 30.98
C ILE A 182 6.68 2.60 32.27
N ASP A 183 7.73 1.80 32.15
CA ASP A 183 8.34 1.10 33.28
C ASP A 183 9.27 1.97 34.10
N LEU A 184 9.71 3.09 33.52
CA LEU A 184 10.62 3.97 34.23
C LEU A 184 9.99 4.49 35.52
N PRO A 185 10.82 4.70 36.56
CA PRO A 185 10.30 5.21 37.82
C PRO A 185 9.63 6.57 37.63
N GLN A 186 10.24 7.42 36.81
CA GLN A 186 9.70 8.75 36.59
C GLN A 186 8.66 8.80 35.45
N ALA A 187 8.16 7.65 35.05
CA ALA A 187 7.11 7.60 34.02
C ALA A 187 5.86 8.32 34.49
N ASP A 188 5.33 9.17 33.63
CA ASP A 188 4.15 9.97 33.96
C ASP A 188 3.14 9.96 32.81
N PRO A 189 2.56 8.78 32.52
CA PRO A 189 1.65 8.72 31.37
C PRO A 189 0.49 9.65 31.53
N GLU A 190 0.06 9.94 32.76
CA GLU A 190 -1.10 10.80 32.90
C GLU A 190 -0.76 12.21 32.47
N LYS A 191 0.45 12.66 32.73
CA LYS A 191 0.88 13.97 32.25
C LYS A 191 0.87 14.05 30.71
N VAL A 192 1.36 13.00 30.07
CA VAL A 192 1.35 12.96 28.59
C VAL A 192 -0.09 13.04 28.08
N LYS A 193 -0.99 12.33 28.75
CA LYS A 193 -2.37 12.44 28.35
C LYS A 193 -2.89 13.86 28.48
N ARG A 194 -2.52 14.57 29.55
CA ARG A 194 -2.93 15.95 29.70
CA ARG A 194 -2.93 15.95 29.70
C ARG A 194 -2.35 16.82 28.60
N GLN A 195 -1.07 16.59 28.32
CA GLN A 195 -0.46 17.29 27.20
C GLN A 195 -1.16 16.97 25.87
N LEU A 196 -1.54 15.71 25.64
CA LEU A 196 -2.32 15.43 24.42
C LEU A 196 -3.61 16.24 24.39
N MET A 197 -4.30 16.29 25.54
CA MET A 197 -5.59 16.94 25.55
C MET A 197 -5.45 18.45 25.36
N GLU A 198 -4.41 19.04 25.95
CA GLU A 198 -4.13 20.47 25.73
C GLU A 198 -4.02 20.76 24.25
N ARG A 199 -3.56 19.77 23.48
CA ARG A 199 -3.29 19.97 22.05
C ARG A 199 -4.44 19.49 21.18
N GLY A 200 -5.55 19.12 21.81
CA GLY A 200 -6.76 18.74 21.10
C GLY A 200 -6.91 17.25 20.82
N PHE A 201 -6.06 16.44 21.42
CA PHE A 201 -6.13 15.02 21.16
C PHE A 201 -6.66 14.38 22.42
N VAL A 202 -7.95 14.17 22.52
CA VAL A 202 -8.49 13.66 23.77
C VAL A 202 -8.51 12.15 23.72
N PRO A 203 -7.87 11.49 24.67
CA PRO A 203 -7.85 10.03 24.65
C PRO A 203 -9.24 9.37 24.69
N GLU A 204 -9.38 8.22 24.04
CA GLU A 204 -10.66 7.48 24.07
C GLU A 204 -11.17 7.24 25.50
N GLU A 205 -10.23 7.08 26.42
CA GLU A 205 -10.50 6.91 27.87
C GLU A 205 -11.47 7.94 28.44
N TYR A 206 -11.33 9.14 27.94
CA TYR A 206 -12.06 10.27 28.44
C TYR A 206 -13.18 10.61 27.49
N GLY A 207 -13.48 9.71 26.57
CA GLY A 207 -14.59 9.92 25.66
C GLY A 207 -14.20 10.67 24.39
N GLY A 208 -12.90 10.79 24.13
CA GLY A 208 -12.51 11.49 22.91
C GLY A 208 -12.21 10.47 21.82
N ASP A 209 -11.52 10.90 20.77
CA ASP A 209 -11.20 9.99 19.69
C ASP A 209 -9.71 9.61 19.53
N ALA A 210 -8.81 10.10 20.39
CA ALA A 210 -7.37 9.83 20.17
C ALA A 210 -7.03 8.46 20.69
N ILE A 211 -6.30 7.70 19.89
CA ILE A 211 -5.89 6.36 20.28
C ILE A 211 -4.56 6.43 21.02
N VAL A 212 -4.53 5.94 22.26
CA VAL A 212 -3.36 6.05 23.11
C VAL A 212 -3.05 4.66 23.65
N ILE A 213 -1.81 4.21 23.47
CA ILE A 213 -1.41 2.85 23.78
C ILE A 213 -0.10 2.91 24.55
N PRO A 214 -0.08 2.39 25.78
CA PRO A 214 1.15 2.35 26.57
C PRO A 214 2.03 1.22 26.11
N ILE A 215 3.32 1.46 25.96
CA ILE A 215 4.25 0.40 25.54
C ILE A 215 5.58 0.52 26.24
N SER A 216 6.36 -0.53 26.16
CA SER A 216 7.78 -0.42 26.45
C SER A 216 8.57 -1.02 25.30
N ALA A 217 9.25 -0.17 24.55
CA ALA A 217 9.95 -0.65 23.36
C ALA A 217 11.16 -1.51 23.75
N LYS A 218 11.68 -1.29 24.96
CA LYS A 218 12.81 -2.08 25.45
CA LYS A 218 12.81 -2.07 25.46
C LYS A 218 12.42 -3.52 25.72
N THR A 219 11.27 -3.73 26.36
CA THR A 219 10.86 -5.07 26.77
C THR A 219 9.82 -5.69 25.87
N GLY A 220 9.14 -4.87 25.07
CA GLY A 220 8.16 -5.40 24.14
C GLY A 220 6.76 -5.37 24.69
N GLN A 221 6.60 -4.95 25.95
CA GLN A 221 5.29 -4.85 26.52
C GLN A 221 4.47 -3.90 25.69
N GLY A 222 3.23 -4.28 25.41
CA GLY A 222 2.27 -3.44 24.70
C GLY A 222 2.47 -3.44 23.18
N VAL A 223 3.56 -4.00 22.69
CA VAL A 223 3.85 -3.91 21.26
C VAL A 223 2.85 -4.76 20.51
N GLN A 224 2.46 -5.88 21.11
CA GLN A 224 1.49 -6.73 20.45
C GLN A 224 0.13 -6.03 20.31
N ASP A 225 -0.28 -5.32 21.34
CA ASP A 225 -1.49 -4.51 21.31
C ASP A 225 -1.42 -3.45 20.24
N LEU A 226 -0.23 -2.86 20.08
CA LEU A 226 -0.04 -1.86 19.03
C LEU A 226 -0.30 -2.49 17.67
N LEU A 227 0.29 -3.65 17.41
CA LEU A 227 0.09 -4.32 16.14
C LEU A 227 -1.37 -4.68 15.93
N GLU A 228 -2.02 -5.22 16.95
CA GLU A 228 -3.42 -5.56 16.81
C GLU A 228 -4.25 -4.32 16.51
N MET A 229 -3.90 -3.20 17.11
CA MET A 229 -4.66 -1.96 16.86
C MET A 229 -4.48 -1.47 15.42
N ILE A 230 -3.23 -1.51 14.94
CA ILE A 230 -2.98 -1.21 13.52
C ILE A 230 -3.83 -2.06 12.61
N LEU A 231 -3.83 -3.37 12.83
CA LEU A 231 -4.57 -4.28 11.97
C LEU A 231 -6.10 -4.10 12.08
N LEU A 232 -6.58 -3.74 13.27
CA LEU A 232 -8.00 -3.40 13.46
C LEU A 232 -8.35 -2.17 12.67
N LEU A 233 -7.53 -1.14 12.77
CA LEU A 233 -7.77 0.07 11.96
C LEU A 233 -7.76 -0.25 10.47
N ALA A 234 -6.87 -1.13 10.05
CA ALA A 234 -6.75 -1.50 8.65
C ALA A 234 -8.07 -2.18 8.16
N GLU A 235 -8.60 -3.05 8.99
CA GLU A 235 -9.84 -3.75 8.67
C GLU A 235 -11.00 -2.75 8.59
N LEU A 236 -11.04 -1.80 9.52
CA LEU A 236 -12.12 -0.80 9.56
C LEU A 236 -12.03 0.24 8.48
N GLU A 237 -10.82 0.71 8.19
CA GLU A 237 -10.61 1.58 7.04
C GLU A 237 -10.77 0.80 5.77
N ASP A 238 -10.57 -0.51 5.86
CA ASP A 238 -10.79 -1.40 4.74
C ASP A 238 -9.83 -1.04 3.60
N TYR A 239 -8.52 -1.00 3.85
CA TYR A 239 -7.58 -0.71 2.76
C TYR A 239 -7.54 -1.77 1.69
N ARG A 240 -7.79 -1.36 0.46
CA ARG A 240 -7.76 -2.25 -0.67
C ARG A 240 -7.02 -1.61 -1.85
N ALA A 241 -6.63 -2.42 -2.82
CA ALA A 241 -5.99 -1.89 -4.03
C ALA A 241 -6.15 -2.88 -5.14
N ASP A 242 -6.24 -2.36 -6.35
CA ASP A 242 -6.35 -3.20 -7.56
C ASP A 242 -4.98 -3.62 -8.11
N PRO A 243 -4.64 -4.92 -7.98
CA PRO A 243 -3.37 -5.40 -8.53
C PRO A 243 -3.32 -5.34 -10.07
N ASN A 244 -4.44 -5.09 -10.73
CA ASN A 244 -4.46 -4.98 -12.20
C ASN A 244 -4.64 -3.57 -12.71
N ALA A 245 -4.66 -2.59 -11.79
CA ALA A 245 -4.68 -1.18 -12.20
C ALA A 245 -3.32 -0.83 -12.79
N GLU A 246 -3.23 0.33 -13.42
CA GLU A 246 -1.93 0.80 -13.91
C GLU A 246 -0.97 0.94 -12.73
N PRO A 247 0.22 0.35 -12.82
CA PRO A 247 1.11 0.36 -11.65
C PRO A 247 1.45 1.76 -11.18
N ARG A 248 1.39 1.94 -9.86
CA ARG A 248 1.77 3.18 -9.25
CA ARG A 248 1.71 3.20 -9.21
C ARG A 248 2.43 2.86 -7.91
N GLY A 249 3.54 3.51 -7.66
CA GLY A 249 4.24 3.40 -6.39
C GLY A 249 4.83 4.74 -5.97
N VAL A 250 5.68 4.71 -4.94
CA VAL A 250 6.32 5.92 -4.46
C VAL A 250 7.75 5.57 -4.09
N ILE A 251 8.68 6.45 -4.45
CA ILE A 251 10.09 6.27 -4.14
C ILE A 251 10.27 6.52 -2.64
N LEU A 252 10.84 5.56 -1.94
CA LEU A 252 11.18 5.72 -0.53
C LEU A 252 12.57 6.35 -0.40
N GLU A 253 13.49 5.95 -1.25
CA GLU A 253 14.82 6.56 -1.20
C GLU A 253 15.62 6.07 -2.39
N SER A 254 16.71 6.72 -2.70
CA SER A 254 17.53 6.21 -3.80
C SER A 254 19.00 6.44 -3.45
N LYS A 255 19.89 5.70 -4.10
CA LYS A 255 21.32 5.84 -3.85
CA LYS A 255 21.32 5.82 -3.83
C LYS A 255 22.10 5.16 -4.95
N LEU A 256 23.43 5.25 -4.86
CA LEU A 256 24.33 4.66 -5.83
C LEU A 256 24.99 3.44 -5.20
N ASP A 257 24.80 2.27 -5.81
CA ASP A 257 25.63 1.14 -5.45
C ASP A 257 26.83 1.16 -6.40
N LYS A 258 28.03 1.07 -5.85
CA LYS A 258 29.22 1.27 -6.66
C LYS A 258 29.30 0.24 -7.78
N GLN A 259 28.79 -0.96 -7.50
CA GLN A 259 28.82 -2.05 -8.46
C GLN A 259 27.62 -2.01 -9.42
N ALA A 260 26.41 -1.84 -8.87
CA ALA A 260 25.18 -1.98 -9.65
C ALA A 260 24.68 -0.67 -10.28
N GLY A 261 25.12 0.47 -9.73
CA GLY A 261 24.71 1.78 -10.23
C GLY A 261 23.51 2.31 -9.43
N ILE A 262 22.62 3.04 -10.09
CA ILE A 262 21.49 3.70 -9.43
C ILE A 262 20.50 2.67 -8.98
N ILE A 263 20.20 2.68 -7.68
CA ILE A 263 19.13 1.86 -7.13
C ILE A 263 18.11 2.71 -6.45
N ALA A 264 16.85 2.28 -6.51
CA ALA A 264 15.83 3.04 -5.83
C ALA A 264 14.92 2.05 -5.13
N ASN A 265 14.54 2.42 -3.93
CA ASN A 265 13.57 1.64 -3.20
C ASN A 265 12.19 2.27 -3.37
N MET A 266 11.20 1.44 -3.68
CA MET A 266 9.89 1.96 -3.91
C MET A 266 8.86 1.05 -3.24
N LEU A 267 7.78 1.70 -2.82
CA LEU A 267 6.66 1.01 -2.26
C LEU A 267 5.57 1.02 -3.31
N VAL A 268 5.07 -0.16 -3.66
CA VAL A 268 3.98 -0.26 -4.63
C VAL A 268 2.64 0.00 -3.96
N GLN A 269 1.82 0.82 -4.59
CA GLN A 269 0.48 1.17 -4.04
C GLN A 269 -0.68 0.65 -4.85
N GLU A 270 -0.55 0.61 -6.18
CA GLU A 270 -1.61 0.09 -7.07
C GLU A 270 -0.97 -0.65 -8.23
N GLY A 271 -1.69 -1.62 -8.80
CA GLY A 271 -1.20 -2.34 -9.94
C GLY A 271 -0.06 -3.24 -9.52
N THR A 272 0.60 -3.80 -10.51
CA THR A 272 1.67 -4.77 -10.27
C THR A 272 2.79 -4.39 -11.23
N PHE A 273 3.91 -3.96 -10.70
CA PHE A 273 5.05 -3.68 -11.54
C PHE A 273 5.74 -5.00 -11.92
N ARG A 274 6.29 -5.06 -13.12
CA ARG A 274 6.98 -6.26 -13.57
C ARG A 274 8.29 -5.90 -14.17
N VAL A 275 9.26 -6.79 -13.98
CA VAL A 275 10.53 -6.68 -14.65
C VAL A 275 10.30 -6.40 -16.15
N GLY A 276 11.01 -5.44 -16.69
CA GLY A 276 10.86 -5.08 -18.09
C GLY A 276 9.94 -3.91 -18.32
N ASP A 277 9.14 -3.54 -17.33
CA ASP A 277 8.26 -2.36 -17.50
C ASP A 277 9.10 -1.09 -17.62
N TYR A 278 8.65 -0.12 -18.41
CA TYR A 278 9.17 1.23 -18.27
C TYR A 278 8.47 1.99 -17.17
N VAL A 279 9.22 2.77 -16.41
CA VAL A 279 8.63 3.62 -15.40
C VAL A 279 9.21 5.01 -15.48
N VAL A 280 8.46 5.94 -14.93
CA VAL A 280 8.92 7.30 -14.72
CA VAL A 280 8.93 7.29 -14.73
CA VAL A 280 8.89 7.32 -14.73
C VAL A 280 8.63 7.70 -13.28
N ALA A 281 9.58 8.37 -12.65
CA ALA A 281 9.42 8.89 -11.29
C ALA A 281 9.95 10.31 -11.29
N GLY A 282 9.06 11.29 -11.35
CA GLY A 282 9.53 12.65 -11.56
C GLY A 282 10.15 12.80 -12.95
N GLU A 283 11.40 13.25 -12.99
CA GLU A 283 12.16 13.42 -14.20
C GLU A 283 13.07 12.20 -14.47
N ALA A 284 13.07 11.21 -13.57
CA ALA A 284 13.90 10.02 -13.71
C ALA A 284 13.10 8.93 -14.44
N TYR A 285 13.73 8.16 -15.31
CA TYR A 285 13.01 7.09 -15.92
C TYR A 285 13.94 5.94 -16.11
N GLY A 286 13.37 4.81 -16.44
CA GLY A 286 14.16 3.65 -16.84
C GLY A 286 13.30 2.44 -17.14
N ARG A 287 13.95 1.35 -17.55
N ARG A 287 13.95 1.34 -17.51
CA ARG A 287 13.34 0.05 -17.72
CA ARG A 287 13.28 0.08 -17.69
C ARG A 287 13.64 -0.70 -16.43
C ARG A 287 13.64 -0.77 -16.49
N ILE A 288 12.65 -1.36 -15.84
CA ILE A 288 12.92 -2.11 -14.60
C ILE A 288 13.76 -3.35 -15.01
N ARG A 289 15.00 -3.37 -14.61
CA ARG A 289 15.88 -4.49 -14.93
C ARG A 289 15.79 -5.58 -13.90
N ALA A 290 15.47 -5.23 -12.66
CA ALA A 290 15.46 -6.20 -11.55
C ALA A 290 14.71 -5.58 -10.42
N MET A 291 14.10 -6.41 -9.60
CA MET A 291 13.49 -5.95 -8.35
C MET A 291 13.84 -6.97 -7.28
N MET A 292 14.26 -6.48 -6.11
CA MET A 292 14.57 -7.36 -5.00
C MET A 292 13.76 -6.97 -3.77
N ASP A 293 13.14 -7.94 -3.10
CA ASP A 293 12.35 -7.63 -1.90
C ASP A 293 13.17 -7.77 -0.63
N ALA A 294 12.53 -7.51 0.50
CA ALA A 294 13.24 -7.40 1.79
C ALA A 294 13.87 -8.72 2.23
N ASP A 295 13.41 -9.83 1.69
CA ASP A 295 14.04 -11.11 1.98
C ASP A 295 15.17 -11.45 1.02
N GLY A 296 15.49 -10.50 0.15
CA GLY A 296 16.62 -10.69 -0.73
C GLY A 296 16.24 -11.47 -1.96
N ASN A 297 14.97 -11.77 -2.09
CA ASN A 297 14.55 -12.53 -3.29
C ASN A 297 14.37 -11.65 -4.54
N GLN A 298 14.79 -12.17 -5.69
CA GLN A 298 14.56 -11.51 -6.98
C GLN A 298 13.09 -11.71 -7.27
N ARG A 299 12.40 -10.63 -7.59
CA ARG A 299 10.98 -10.68 -7.85
C ARG A 299 10.70 -10.30 -9.30
N LYS A 300 9.89 -11.07 -10.00
CA LYS A 300 9.50 -10.69 -11.34
CA LYS A 300 9.47 -10.70 -11.35
C LYS A 300 8.30 -9.73 -11.29
N GLU A 301 7.59 -9.72 -10.16
CA GLU A 301 6.39 -8.89 -10.02
C GLU A 301 6.38 -8.26 -8.65
N ALA A 302 5.83 -7.06 -8.54
CA ALA A 302 5.64 -6.47 -7.20
C ALA A 302 4.28 -5.77 -7.19
N GLY A 303 3.37 -6.28 -6.38
CA GLY A 303 2.03 -5.73 -6.24
C GLY A 303 1.85 -4.84 -5.03
N PRO A 304 0.61 -4.42 -4.81
CA PRO A 304 0.33 -3.46 -3.74
C PRO A 304 0.85 -3.87 -2.36
N GLY A 305 1.53 -2.94 -1.70
CA GLY A 305 2.10 -3.18 -0.39
C GLY A 305 3.54 -3.67 -0.40
N SER A 306 4.05 -4.07 -1.56
CA SER A 306 5.43 -4.56 -1.71
CA SER A 306 5.41 -4.58 -1.64
C SER A 306 6.41 -3.43 -1.72
N ALA A 307 7.51 -3.61 -0.98
CA ALA A 307 8.61 -2.70 -1.06
C ALA A 307 9.74 -3.44 -1.75
N VAL A 308 10.28 -2.83 -2.81
CA VAL A 308 11.31 -3.49 -3.59
C VAL A 308 12.39 -2.51 -3.96
N GLN A 309 13.60 -3.02 -4.06
CA GLN A 309 14.72 -2.31 -4.66
C GLN A 309 14.69 -2.53 -6.20
N VAL A 310 14.71 -1.43 -6.92
CA VAL A 310 14.52 -1.46 -8.37
C VAL A 310 15.83 -1.03 -8.99
N LEU A 311 16.28 -1.80 -9.97
CA LEU A 311 17.44 -1.45 -10.78
CA LEU A 311 17.45 -1.45 -10.80
C LEU A 311 16.92 -1.03 -12.16
N GLY A 312 17.53 0.00 -12.73
CA GLY A 312 17.11 0.43 -14.05
C GLY A 312 16.88 1.90 -14.22
N PHE A 313 16.70 2.66 -13.14
CA PHE A 313 16.61 4.10 -13.30
C PHE A 313 17.91 4.69 -13.88
N GLN A 314 17.77 5.67 -14.76
CA GLN A 314 18.92 6.26 -15.40
C GLN A 314 19.38 7.52 -14.72
N GLU A 315 18.58 8.00 -13.76
CA GLU A 315 19.06 9.01 -12.84
C GLU A 315 18.39 8.83 -11.49
N LEU A 316 18.99 9.36 -10.44
CA LEU A 316 18.45 9.22 -9.10
C LEU A 316 17.06 9.79 -9.01
N PRO A 317 16.08 8.93 -8.73
CA PRO A 317 14.78 9.52 -8.41
C PRO A 317 14.73 10.17 -7.02
N HIS A 318 13.85 11.14 -6.85
CA HIS A 318 13.66 11.78 -5.55
C HIS A 318 12.69 11.06 -4.64
N ALA A 319 13.04 10.99 -3.35
CA ALA A 319 12.09 10.55 -2.33
C ALA A 319 10.73 11.25 -2.40
N GLY A 320 9.64 10.47 -2.32
CA GLY A 320 8.30 11.02 -2.35
C GLY A 320 7.73 11.14 -3.76
N ASP A 321 8.56 10.99 -4.79
CA ASP A 321 8.04 10.99 -6.17
C ASP A 321 7.23 9.73 -6.48
N VAL A 322 6.12 9.96 -7.15
CA VAL A 322 5.29 8.89 -7.67
C VAL A 322 6.03 8.17 -8.80
N VAL A 323 6.02 6.85 -8.73
CA VAL A 323 6.56 6.02 -9.79
C VAL A 323 5.35 5.57 -10.62
N GLU A 324 5.39 5.86 -11.91
CA GLU A 324 4.28 5.56 -12.79
C GLU A 324 4.77 4.65 -13.90
N TRP A 325 3.99 3.62 -14.16
CA TRP A 325 4.20 2.76 -15.32
C TRP A 325 3.89 3.59 -16.57
N VAL A 326 4.72 3.42 -17.57
CA VAL A 326 4.47 3.98 -18.93
C VAL A 326 4.67 2.85 -19.99
N PRO A 327 4.07 3.01 -21.19
CA PRO A 327 4.06 1.84 -22.09
C PRO A 327 5.39 1.51 -22.78
N ASP A 328 6.28 2.46 -22.93
CA ASP A 328 7.51 2.20 -23.63
C ASP A 328 8.54 3.26 -23.37
N LEU A 329 9.74 3.06 -23.91
CA LEU A 329 10.84 3.94 -23.65
C LEU A 329 10.56 5.34 -24.15
N GLU A 330 9.96 5.42 -25.33
CA GLU A 330 9.61 6.71 -25.92
C GLU A 330 8.70 7.57 -25.01
N ALA A 331 7.68 6.94 -24.45
CA ALA A 331 6.80 7.63 -23.49
C ALA A 331 7.52 8.06 -22.23
N ALA A 332 8.37 7.19 -21.70
CA ALA A 332 9.18 7.50 -20.52
C ALA A 332 9.99 8.77 -20.79
N LYS A 333 10.66 8.85 -21.96
CA LYS A 333 11.52 10.02 -22.24
C LYS A 333 10.67 11.29 -22.40
N GLU A 334 9.56 11.19 -23.11
CA GLU A 334 8.71 12.35 -23.33
C GLU A 334 8.18 12.90 -22.04
N ILE A 335 7.65 12.04 -21.17
CA ILE A 335 7.11 12.50 -19.91
C ILE A 335 8.22 13.09 -19.05
N ALA A 336 9.35 12.41 -18.94
CA ALA A 336 10.43 12.95 -18.11
C ALA A 336 10.87 14.31 -18.66
N GLU A 337 11.06 14.38 -19.96
CA GLU A 337 11.55 15.61 -20.57
C GLU A 337 10.56 16.75 -20.43
N GLU A 338 9.26 16.50 -20.56
CA GLU A 338 8.32 17.59 -20.45
C GLU A 338 8.33 18.18 -19.04
N ARG A 339 8.57 17.33 -18.04
CA ARG A 339 8.66 17.81 -16.66
C ARG A 339 9.95 18.59 -16.39
N LYS A 340 11.03 18.12 -16.99
CA LYS A 340 12.30 18.82 -16.85
C LYS A 340 12.19 20.22 -17.44
N GLU A 341 11.77 20.35 -18.70
CA GLU A 341 11.78 21.67 -19.34
C GLU A 341 10.73 22.61 -18.74
N GLU A 342 9.74 22.05 -18.06
CA GLU A 342 8.78 22.88 -17.34
C GLU A 342 9.35 23.40 -16.03
N ARG A 343 10.11 22.58 -15.31
CA ARG A 343 10.77 23.06 -14.10
C ARG A 343 11.80 24.12 -14.46
N LYS A 344 12.56 23.85 -15.51
CA LYS A 344 13.56 24.80 -15.99
C LYS A 344 12.94 26.14 -16.42
N ALA A 345 11.66 26.13 -16.79
CA ALA A 345 11.00 27.35 -17.24
C ALA A 345 10.48 28.17 -16.06
N ARG A 346 10.03 27.50 -15.00
CA ARG A 346 9.62 28.18 -13.79
C ARG A 346 10.83 28.52 -12.92
N GLU A 347 12.01 28.02 -13.30
CA GLU A 347 13.23 28.40 -12.60
C GLU A 347 13.68 29.74 -13.15
N GLU A 348 13.48 29.94 -14.45
CA GLU A 348 13.72 31.23 -15.06
C GLU A 348 12.68 32.25 -14.59
N GLU A 349 11.65 31.76 -13.92
CA GLU A 349 10.71 32.63 -13.24
C GLU A 349 11.43 33.36 -12.11
N GLU A 350 12.21 32.62 -11.31
CA GLU A 350 12.90 33.26 -10.18
C GLU A 350 14.30 33.74 -10.55
N LYS A 351 14.66 33.61 -11.83
CA LYS A 351 15.86 34.26 -12.35
C LYS A 351 15.42 35.53 -13.08
N ALA A 352 14.33 36.13 -12.58
CA ALA A 352 13.72 37.29 -13.23
C ALA A 352 12.79 38.05 -12.28
N ARG A 353 11.67 37.43 -11.93
CA ARG A 353 10.64 38.10 -11.12
C ARG A 353 10.08 37.19 -10.02
N ARG A 354 10.29 37.53 -8.74
CA ARG A 354 10.99 38.74 -8.29
C ARG A 354 12.15 38.38 -7.35
N PRO A 355 13.38 38.37 -7.89
CA PRO A 355 14.59 38.27 -7.07
C PRO A 355 14.83 39.55 -6.26
N ARG A 356 14.06 40.59 -6.56
CA ARG A 356 14.13 41.88 -5.85
C ARG A 356 15.49 42.55 -6.07
N THR A 357 15.82 43.53 -5.22
CA THR A 357 17.08 44.28 -5.35
C THR A 357 18.32 43.35 -5.29
N MET A 358 19.52 43.94 -5.35
CA MET A 358 20.74 43.16 -5.56
C MET A 358 21.70 43.04 -4.37
N ALA A 359 22.63 44.00 -4.23
CA ALA A 359 23.79 43.82 -3.35
C ALA A 359 24.17 45.06 -2.54
N GLU A 360 23.75 45.09 -1.27
CA GLU A 360 24.28 46.07 -0.31
C GLU A 360 25.40 45.39 0.48
N LEU A 361 26.63 45.61 0.03
CA LEU A 361 27.74 44.68 0.29
C LEU A 361 28.89 45.25 1.16
N LEU A 362 29.95 44.45 1.27
CA LEU A 362 31.29 44.91 1.68
C LEU A 362 31.80 45.79 0.52
N ARG A 363 32.86 46.57 0.71
CA ARG A 363 33.73 46.50 1.88
C ARG A 363 33.45 47.64 2.88
C1 GOL B . -32.60 -44.66 -14.27
O1 GOL B . -31.84 -45.83 -13.98
C2 GOL B . -31.81 -43.72 -15.19
O2 GOL B . -31.04 -42.85 -14.39
C3 GOL B . -32.74 -42.89 -16.10
O3 GOL B . -31.98 -42.34 -17.18
C1 GOL C . 16.86 16.97 14.92
O1 GOL C . 16.88 15.75 15.63
C2 GOL C . 16.36 16.76 13.50
O2 GOL C . 16.77 17.82 12.66
C3 GOL C . 14.84 16.67 13.47
O3 GOL C . 14.39 15.83 14.53
C1 GOL D . -0.74 2.43 -0.29
O1 GOL D . -1.73 2.96 -1.13
C2 GOL D . -0.15 3.65 0.44
O2 GOL D . 1.19 3.41 0.77
C3 GOL D . -0.93 4.04 1.69
O3 GOL D . -1.55 5.32 1.51
#